data_6VKE
#
_entry.id   6VKE
#
_cell.length_a   168.770
_cell.length_b   168.770
_cell.length_c   168.770
_cell.angle_alpha   90.000
_cell.angle_beta   90.000
_cell.angle_gamma   90.000
#
_symmetry.space_group_name_H-M   'P 41 3 2'
#
loop_
_entity.id
_entity.type
_entity.pdbx_description
1 polymer 'Prefusion RSV F (DS-Cav1)'
2 non-polymer '2-[N-CYCLOHEXYLAMINO]ETHANE SULFONIC ACID'
3 non-polymer 4-(5-chloro-2-{[1-(3,4-dimethoxyphenyl)-2-oxo-1,2-dihydro-3H-imidazo[4,5-c]pyridin-3-yl]methyl}-1H-indol-1-yl)butanenitrile
4 non-polymer 'CHLORIDE ION'
5 non-polymer 'SULFATE ION'
6 water water
#
_entity_poly.entity_id   1
_entity_poly.type   'polypeptide(L)'
_entity_poly.pdbx_seq_one_letter_code
;MELLILKANAITTILTAVTFCFASGQNITEEFYQSTCSAVSKGYLSALRTGWYTSVITIELSNIKENKCNGTDAKVKLIK
QELDKYKNAVTELQLLMQSTPATNNRARRELPRFMNYTLNNAKKTNVTLSKKRKRRFLGFLLGVGSAIASGVAVCKVLHL
EGEVNKIKSALLSTNKAVVSLSNGVSVLTFKVLDLKNYIDKQLLPILNKQSCSISNIETVIEFQQKNNRLLEITREFSVN
AGVTTPVSTYMLTNSELLSLINDMPITNDQKKLMSNNVQIVRQQSYSIMCIIKEEVLAYVVQLPLYGVIDTPCWKLHTSP
LCTTNTKEGSNICLTRTDRGWYCDNAGSVSFFPQAETCKVQSNRVFCDTMNSLTLPSEVNLCNVDIFNPKYDCKIMTSKT
DVSSSVITSLGAIVSCYGKTKCTASNKNRGIIKTFSNGCDYVSNKGVDTVSVGNTLYYVNKQEGKSLYVKGEPIINFYDP
LVFPSDEFDASISQVNEKINQSLAFIRKSDELLSAIGGYIPEAPRDGQAYVRKDGEWVLLSTFLGGLVPRGSHHHHHHSA
WSHPQFEK
;
_entity_poly.pdbx_strand_id   F
#
# COMPACT_ATOMS: atom_id res chain seq x y z
N ASN A 27 16.11 -15.30 2.42
CA ASN A 27 16.05 -16.42 1.48
C ASN A 27 14.70 -16.47 0.77
N ILE A 28 14.62 -15.88 -0.42
CA ILE A 28 13.43 -15.95 -1.25
C ILE A 28 13.51 -17.19 -2.14
N THR A 29 12.44 -17.98 -2.15
CA THR A 29 12.36 -19.17 -2.99
C THR A 29 11.05 -19.17 -3.75
N GLU A 30 10.97 -19.98 -4.80
CA GLU A 30 9.79 -19.98 -5.64
C GLU A 30 9.53 -21.37 -6.18
N GLU A 31 8.25 -21.72 -6.29
CA GLU A 31 7.82 -22.98 -6.88
C GLU A 31 6.79 -22.68 -7.96
N PHE A 32 6.96 -23.30 -9.13
CA PHE A 32 5.99 -23.20 -10.22
C PHE A 32 5.22 -24.51 -10.33
N TYR A 33 3.90 -24.43 -10.35
CA TYR A 33 3.04 -25.60 -10.45
C TYR A 33 2.53 -25.70 -11.88
N GLN A 34 3.15 -26.60 -12.65
CA GLN A 34 2.74 -26.83 -14.03
C GLN A 34 1.28 -27.24 -14.11
N SER A 35 0.78 -27.95 -13.11
CA SER A 35 -0.58 -28.46 -13.18
C SER A 35 -1.63 -27.34 -13.16
N THR A 36 -1.31 -26.20 -12.54
CA THR A 36 -2.31 -25.15 -12.36
C THR A 36 -1.85 -23.79 -12.88
N CYS A 37 -0.72 -23.72 -13.59
CA CYS A 37 -0.24 -22.48 -14.17
C CYS A 37 -0.14 -21.39 -13.10
N SER A 38 0.55 -21.70 -12.01
CA SER A 38 0.67 -20.77 -10.90
C SER A 38 2.01 -20.96 -10.22
N ALA A 39 2.38 -19.96 -9.41
CA ALA A 39 3.68 -19.99 -8.74
C ALA A 39 3.58 -19.25 -7.42
N VAL A 40 4.31 -19.75 -6.42
CA VAL A 40 4.31 -19.19 -5.07
C VAL A 40 5.73 -18.79 -4.72
N SER A 41 5.89 -17.53 -4.31
CA SER A 41 7.17 -17.00 -3.86
C SER A 41 7.09 -16.86 -2.35
N LYS A 42 8.03 -17.49 -1.64
CA LYS A 42 8.01 -17.44 -0.18
C LYS A 42 9.38 -17.02 0.34
N GLY A 43 9.47 -16.91 1.67
CA GLY A 43 10.64 -16.38 2.34
C GLY A 43 10.46 -14.97 2.86
N TYR A 44 9.33 -14.33 2.59
CA TYR A 44 9.05 -12.97 3.00
C TYR A 44 8.58 -12.92 4.45
N LEU A 45 8.77 -11.77 5.09
CA LEU A 45 8.35 -11.53 6.47
C LEU A 45 7.36 -10.37 6.51
N SER A 46 6.34 -10.50 7.36
CA SER A 46 5.22 -9.57 7.34
C SER A 46 5.52 -8.28 8.08
N ALA A 47 4.83 -7.22 7.67
CA ALA A 47 4.66 -6.01 8.47
C ALA A 47 3.31 -5.46 8.06
N LEU A 48 2.28 -5.80 8.82
CA LEU A 48 0.90 -5.50 8.46
C LEU A 48 0.41 -4.33 9.30
N ARG A 49 -0.15 -3.32 8.65
CA ARG A 49 -0.81 -2.27 9.41
C ARG A 49 -2.14 -2.81 9.91
N THR A 50 -2.27 -2.90 11.24
CA THR A 50 -3.46 -3.40 11.90
C THR A 50 -4.23 -2.32 12.63
N GLY A 51 -3.59 -1.22 13.01
CA GLY A 51 -4.26 -0.15 13.71
C GLY A 51 -3.70 1.21 13.33
N TRP A 52 -4.04 2.23 14.10
CA TRP A 52 -3.62 3.59 13.81
C TRP A 52 -3.19 4.26 15.10
N TYR A 53 -2.15 5.08 15.03
CA TYR A 53 -1.81 6.00 16.10
C TYR A 53 -2.01 7.43 15.62
N THR A 54 -2.61 8.26 16.45
CA THR A 54 -2.92 9.63 16.08
C THR A 54 -2.09 10.58 16.93
N SER A 55 -1.25 11.39 16.28
CA SER A 55 -0.50 12.45 16.93
C SER A 55 -1.01 13.79 16.44
N VAL A 56 -0.80 14.82 17.27
CA VAL A 56 -1.23 16.17 16.96
C VAL A 56 0.01 17.02 16.73
N ILE A 57 0.19 17.48 15.50
CA ILE A 57 1.31 18.34 15.12
C ILE A 57 0.82 19.77 15.13
N THR A 58 1.57 20.65 15.81
CA THR A 58 1.13 22.03 15.95
C THR A 58 2.19 22.98 15.39
N ILE A 59 1.72 24.12 14.90
CA ILE A 59 2.55 25.25 14.55
C ILE A 59 1.99 26.45 15.29
N GLU A 60 2.84 27.14 16.05
CA GLU A 60 2.40 28.30 16.81
C GLU A 60 2.42 29.53 15.93
N LEU A 61 1.33 30.30 15.96
CA LEU A 61 1.13 31.40 15.04
C LEU A 61 1.12 32.73 15.77
N SER A 62 1.38 33.79 15.01
CA SER A 62 1.40 35.15 15.53
C SER A 62 0.15 35.91 15.09
N ASN A 63 -0.36 36.76 15.97
CA ASN A 63 -1.44 37.68 15.65
C ASN A 63 -0.86 39.03 15.27
N ILE A 64 -1.24 39.54 14.11
CA ILE A 64 -0.69 40.80 13.62
C ILE A 64 -1.79 41.83 13.35
N ASP A 73 11.10 51.19 2.53
CA ASP A 73 12.30 50.83 1.77
C ASP A 73 12.17 49.42 1.18
N ALA A 74 13.17 49.03 0.37
CA ALA A 74 13.08 47.78 -0.37
C ALA A 74 13.11 46.57 0.55
N LYS A 75 13.88 46.63 1.64
CA LYS A 75 13.96 45.49 2.54
C LYS A 75 12.66 45.30 3.33
N VAL A 76 12.09 46.40 3.84
CA VAL A 76 10.82 46.29 4.55
C VAL A 76 9.70 45.88 3.60
N LYS A 77 9.78 46.32 2.34
CA LYS A 77 8.78 45.93 1.35
C LYS A 77 8.77 44.42 1.13
N LEU A 78 9.96 43.81 1.01
CA LEU A 78 10.03 42.36 0.87
C LEU A 78 9.50 41.66 2.12
N ILE A 79 9.77 42.22 3.29
CA ILE A 79 9.25 41.62 4.52
C ILE A 79 7.73 41.72 4.56
N LYS A 80 7.18 42.87 4.15
CA LYS A 80 5.72 43.00 4.14
C LYS A 80 5.08 42.08 3.12
N GLN A 81 5.75 41.85 1.99
CA GLN A 81 5.22 40.88 1.02
C GLN A 81 5.20 39.47 1.59
N GLU A 82 6.25 39.10 2.32
CA GLU A 82 6.28 37.79 2.95
C GLU A 82 5.27 37.69 4.08
N LEU A 83 5.05 38.77 4.81
CA LEU A 83 4.03 38.77 5.86
C LEU A 83 2.63 38.61 5.27
N ASP A 84 2.38 39.21 4.11
CA ASP A 84 1.10 39.01 3.44
C ASP A 84 0.91 37.55 3.04
N LYS A 85 1.97 36.90 2.56
CA LYS A 85 1.88 35.48 2.26
C LYS A 85 1.60 34.68 3.52
N TYR A 86 2.15 35.11 4.65
CA TYR A 86 1.85 34.46 5.93
C TYR A 86 0.37 34.61 6.29
N LYS A 87 -0.15 35.84 6.23
CA LYS A 87 -1.55 36.07 6.59
C LYS A 87 -2.50 35.31 5.66
N ASN A 88 -2.23 35.34 4.35
CA ASN A 88 -3.11 34.66 3.41
C ASN A 88 -3.13 33.17 3.64
N ALA A 89 -1.99 32.59 4.04
CA ALA A 89 -1.95 31.16 4.33
C ALA A 89 -2.84 30.83 5.52
N VAL A 90 -2.77 31.65 6.58
CA VAL A 90 -3.65 31.44 7.73
C VAL A 90 -5.11 31.53 7.31
N THR A 91 -5.46 32.58 6.58
CA THR A 91 -6.83 32.75 6.12
C THR A 91 -7.27 31.57 5.24
N GLU A 92 -6.39 31.13 4.34
CA GLU A 92 -6.70 30.01 3.46
C GLU A 92 -6.98 28.74 4.26
N LEU A 93 -6.19 28.48 5.30
CA LEU A 93 -6.41 27.31 6.13
C LEU A 93 -7.66 27.47 6.99
N GLN A 94 -7.93 28.69 7.48
CA GLN A 94 -9.17 28.93 8.20
C GLN A 94 -10.38 28.63 7.32
N LEU A 95 -10.40 29.21 6.12
CA LEU A 95 -11.48 28.94 5.18
C LEU A 95 -11.50 27.47 4.76
N LEU A 96 -10.36 26.78 4.84
CA LEU A 96 -10.30 25.40 4.38
C LEU A 96 -11.17 24.48 5.23
N MET A 97 -11.16 24.68 6.55
CA MET A 97 -11.88 23.80 7.46
C MET A 97 -13.11 24.52 8.01
N GLN A 98 -14.06 24.78 7.12
CA GLN A 98 -15.43 25.12 7.51
C GLN A 98 -16.33 23.90 7.51
N SER A 99 -15.76 22.72 7.27
CA SER A 99 -16.51 21.47 7.22
C SER A 99 -15.65 20.34 7.78
N THR A 100 -16.31 19.20 8.01
CA THR A 100 -15.68 18.02 8.59
C THR A 100 -14.75 17.34 7.56
N PRO A 101 -13.54 16.98 7.96
CA PRO A 101 -12.61 16.34 7.02
C PRO A 101 -13.15 15.01 6.51
N ALA A 102 -12.81 14.70 5.25
CA ALA A 102 -13.23 13.46 4.61
C ALA A 102 -12.27 13.14 3.48
N THR A 103 -12.29 11.88 3.05
CA THR A 103 -11.48 11.44 1.92
C THR A 103 -12.12 10.24 1.23
N PHE A 137 -7.85 -10.46 -8.86
CA PHE A 137 -9.20 -10.75 -9.32
C PHE A 137 -10.27 -10.58 -8.24
N LEU A 138 -9.95 -10.86 -6.99
CA LEU A 138 -10.95 -11.03 -5.94
C LEU A 138 -11.13 -9.78 -5.07
N GLY A 139 -10.62 -8.63 -5.51
CA GLY A 139 -10.82 -7.41 -4.75
C GLY A 139 -12.27 -7.08 -4.48
N PHE A 140 -13.19 -7.54 -5.34
CA PHE A 140 -14.61 -7.24 -5.15
C PHE A 140 -15.19 -7.88 -3.90
N LEU A 141 -14.48 -8.84 -3.29
CA LEU A 141 -14.91 -9.50 -2.07
C LEU A 141 -14.56 -8.71 -0.81
N LEU A 142 -13.75 -7.66 -0.95
CA LEU A 142 -13.30 -6.90 0.21
C LEU A 142 -14.43 -6.07 0.80
N GLY A 143 -14.35 -5.81 2.10
CA GLY A 143 -15.22 -4.86 2.75
C GLY A 143 -14.80 -3.43 2.45
N VAL A 144 -15.41 -2.50 3.18
CA VAL A 144 -15.23 -1.07 2.94
C VAL A 144 -14.98 -0.39 4.28
N GLY A 145 -13.79 0.16 4.47
CA GLY A 145 -13.44 0.89 5.67
C GLY A 145 -13.57 2.40 5.49
N SER A 146 -13.24 3.11 6.56
CA SER A 146 -13.21 4.57 6.57
C SER A 146 -11.82 4.96 7.12
N ALA A 147 -10.88 5.16 6.21
CA ALA A 147 -9.46 5.12 6.54
C ALA A 147 -9.05 6.18 7.57
N ILE A 148 -9.67 7.37 7.54
CA ILE A 148 -9.29 8.42 8.48
C ILE A 148 -10.32 8.59 9.59
N ALA A 149 -11.15 7.58 9.84
CA ALA A 149 -12.15 7.72 10.90
C ALA A 149 -11.50 7.98 12.25
N SER A 150 -10.36 7.34 12.53
CA SER A 150 -9.71 7.52 13.82
C SER A 150 -9.12 8.92 13.95
N GLY A 151 -8.40 9.39 12.92
CA GLY A 151 -7.85 10.74 12.96
C GLY A 151 -8.94 11.80 13.03
N VAL A 152 -9.99 11.64 12.23
CA VAL A 152 -11.08 12.62 12.23
C VAL A 152 -11.75 12.69 13.59
N ALA A 153 -11.88 11.53 14.26
CA ALA A 153 -12.46 11.52 15.59
C ALA A 153 -11.60 12.33 16.57
N VAL A 154 -10.28 12.17 16.48
CA VAL A 154 -9.40 12.96 17.34
C VAL A 154 -9.52 14.44 17.00
N CYS A 155 -9.57 14.76 15.71
CA CYS A 155 -9.72 16.15 15.32
C CYS A 155 -11.00 16.76 15.85
N LYS A 156 -12.09 15.99 15.80
CA LYS A 156 -13.37 16.46 16.34
C LYS A 156 -13.24 16.81 17.82
N VAL A 157 -12.44 16.04 18.57
CA VAL A 157 -12.24 16.33 19.98
C VAL A 157 -11.50 17.65 20.17
N LEU A 158 -10.58 17.97 19.25
CA LEU A 158 -9.81 19.20 19.38
C LEU A 158 -10.66 20.46 19.24
N HIS A 159 -11.88 20.35 18.70
CA HIS A 159 -12.74 21.52 18.57
C HIS A 159 -13.52 21.84 19.84
N LEU A 160 -13.59 20.90 20.79
CA LEU A 160 -14.29 21.15 22.03
C LEU A 160 -13.58 22.24 22.84
N GLU A 161 -14.35 22.94 23.66
CA GLU A 161 -13.81 24.10 24.35
C GLU A 161 -12.74 23.70 25.35
N GLY A 162 -11.66 24.48 25.39
CA GLY A 162 -10.55 24.23 26.28
C GLY A 162 -9.55 23.20 25.78
N GLU A 163 -9.84 22.49 24.69
CA GLU A 163 -8.99 21.40 24.26
C GLU A 163 -7.70 21.91 23.65
N VAL A 164 -7.78 22.87 22.74
CA VAL A 164 -6.57 23.45 22.15
C VAL A 164 -5.73 24.12 23.23
N ASN A 165 -6.39 24.73 24.22
CA ASN A 165 -5.66 25.40 25.28
C ASN A 165 -4.82 24.42 26.09
N LYS A 166 -5.31 23.18 26.27
CA LYS A 166 -4.53 22.16 26.96
C LYS A 166 -3.23 21.86 26.22
N ILE A 167 -3.31 21.73 24.90
CA ILE A 167 -2.12 21.47 24.10
C ILE A 167 -1.17 22.67 24.14
N LYS A 168 -1.72 23.88 24.02
CA LYS A 168 -0.89 25.08 24.07
C LYS A 168 -0.14 25.18 25.39
N SER A 169 -0.80 24.78 26.49
CA SER A 169 -0.15 24.84 27.80
C SER A 169 0.90 23.74 27.95
N ALA A 170 0.64 22.55 27.40
CA ALA A 170 1.58 21.45 27.53
C ALA A 170 2.88 21.71 26.78
N LEU A 171 2.82 22.48 25.69
CA LEU A 171 3.97 22.72 24.82
C LEU A 171 4.60 24.08 25.07
N LEU A 172 4.32 24.71 26.22
CA LEU A 172 4.86 26.04 26.48
C LEU A 172 6.37 26.01 26.68
N SER A 173 6.88 25.00 27.38
CA SER A 173 8.28 24.89 27.73
C SER A 173 8.99 23.72 27.06
N THR A 174 8.31 23.02 26.17
CA THR A 174 8.89 21.87 25.48
C THR A 174 8.14 21.67 24.17
N ASN A 175 8.83 21.11 23.18
CA ASN A 175 8.26 20.95 21.85
C ASN A 175 7.52 19.63 21.68
N LYS A 176 7.68 18.68 22.62
CA LYS A 176 7.01 17.40 22.59
C LYS A 176 6.35 17.15 23.94
N ALA A 177 5.14 16.60 23.92
CA ALA A 177 4.47 16.26 25.17
C ALA A 177 3.30 15.33 24.86
N VAL A 178 3.03 14.42 25.79
CA VAL A 178 1.84 13.59 25.73
C VAL A 178 0.72 14.32 26.47
N VAL A 179 -0.42 14.49 25.80
CA VAL A 179 -1.57 15.17 26.38
C VAL A 179 -2.74 14.20 26.45
N SER A 180 -3.46 14.24 27.55
CA SER A 180 -4.69 13.46 27.71
C SER A 180 -5.86 14.33 27.28
N LEU A 181 -6.55 13.91 26.22
CA LEU A 181 -7.69 14.68 25.75
C LEU A 181 -8.89 14.44 26.67
N SER A 182 -9.93 15.26 26.47
CA SER A 182 -11.08 15.24 27.38
C SER A 182 -11.79 13.90 27.39
N ASN A 183 -11.82 13.20 26.25
CA ASN A 183 -12.46 11.89 26.18
C ASN A 183 -11.53 10.75 26.59
N GLY A 184 -10.41 11.07 27.24
CA GLY A 184 -9.48 10.07 27.70
C GLY A 184 -8.40 9.68 26.71
N VAL A 185 -8.52 10.08 25.45
CA VAL A 185 -7.54 9.68 24.44
C VAL A 185 -6.22 10.38 24.72
N SER A 186 -5.16 9.59 24.84
CA SER A 186 -3.81 10.08 25.13
C SER A 186 -3.07 10.19 23.80
N VAL A 187 -2.79 11.42 23.37
CA VAL A 187 -2.13 11.66 22.10
C VAL A 187 -0.78 12.34 22.34
N LEU A 188 0.19 11.98 21.52
CA LEU A 188 1.48 12.66 21.50
C LEU A 188 1.34 13.94 20.69
N THR A 189 1.76 15.06 21.27
CA THR A 189 1.67 16.35 20.58
C THR A 189 3.08 16.88 20.30
N PHE A 190 3.19 17.68 19.24
CA PHE A 190 4.50 18.05 18.72
C PHE A 190 4.42 19.43 18.10
N LYS A 191 5.11 20.41 18.67
CA LYS A 191 5.22 21.73 18.07
C LYS A 191 6.46 21.76 17.19
N VAL A 192 6.26 21.78 15.88
CA VAL A 192 7.34 21.69 14.91
C VAL A 192 7.85 23.04 14.42
N LEU A 193 7.14 24.12 14.71
CA LEU A 193 7.51 25.44 14.19
C LEU A 193 6.86 26.51 15.05
N ASP A 194 7.66 27.40 15.61
CA ASP A 194 7.17 28.50 16.45
C ASP A 194 7.32 29.80 15.65
N LEU A 195 6.32 30.06 14.81
CA LEU A 195 6.28 31.31 14.06
C LEU A 195 5.83 32.49 14.92
N LYS A 196 5.09 32.23 15.99
CA LYS A 196 4.73 33.30 16.93
C LYS A 196 5.98 33.93 17.51
N ASN A 197 6.87 33.11 18.07
CA ASN A 197 8.10 33.64 18.65
C ASN A 197 8.92 34.39 17.62
N TYR A 198 9.02 33.87 16.40
CA TYR A 198 9.85 34.52 15.41
C TYR A 198 9.27 35.87 14.99
N ILE A 199 7.98 35.91 14.68
CA ILE A 199 7.37 37.15 14.20
C ILE A 199 7.30 38.18 15.33
N ASP A 200 6.98 37.74 16.54
CA ASP A 200 6.83 38.68 17.64
C ASP A 200 8.18 39.25 18.08
N LYS A 201 9.23 38.42 18.09
CA LYS A 201 10.51 38.88 18.62
C LYS A 201 11.46 39.40 17.55
N GLN A 202 11.32 38.99 16.30
CA GLN A 202 12.23 39.43 15.25
C GLN A 202 11.61 40.39 14.25
N LEU A 203 10.32 40.29 13.98
CA LEU A 203 9.69 41.13 12.96
C LEU A 203 8.92 42.30 13.53
N LEU A 204 8.20 42.11 14.65
CA LEU A 204 7.47 43.22 15.25
C LEU A 204 8.36 44.42 15.58
N PRO A 205 9.57 44.27 16.13
CA PRO A 205 10.40 45.46 16.39
C PRO A 205 10.67 46.31 15.16
N ILE A 206 10.64 45.72 13.96
CA ILE A 206 10.92 46.48 12.75
C ILE A 206 9.74 47.38 12.40
N LEU A 207 8.54 46.80 12.32
CA LEU A 207 7.34 47.55 11.94
C LEU A 207 6.90 48.49 13.07
N SER A 215 16.39 47.32 9.63
CA SER A 215 16.18 46.10 8.84
C SER A 215 17.42 45.73 8.05
N ASN A 216 17.50 44.45 7.66
CA ASN A 216 18.64 43.96 6.89
C ASN A 216 18.19 42.79 6.03
N ILE A 217 19.04 42.45 5.05
CA ILE A 217 18.67 41.44 4.07
C ILE A 217 18.67 40.05 4.70
N GLU A 218 19.50 39.81 5.71
CA GLU A 218 19.55 38.49 6.33
C GLU A 218 18.24 38.14 7.01
N THR A 219 17.54 39.14 7.56
CA THR A 219 16.23 38.88 8.14
C THR A 219 15.22 38.51 7.07
N VAL A 220 15.26 39.19 5.93
CA VAL A 220 14.38 38.84 4.81
C VAL A 220 14.59 37.38 4.42
N ILE A 221 15.85 36.97 4.27
CA ILE A 221 16.13 35.59 3.87
C ILE A 221 15.64 34.62 4.94
N GLU A 222 15.92 34.92 6.21
CA GLU A 222 15.54 34.01 7.28
C GLU A 222 14.02 33.87 7.39
N PHE A 223 13.30 34.99 7.28
CA PHE A 223 11.85 34.92 7.38
C PHE A 223 11.25 34.12 6.22
N GLN A 224 11.81 34.26 5.03
CA GLN A 224 11.34 33.45 3.90
C GLN A 224 11.58 31.97 4.17
N GLN A 225 12.72 31.63 4.77
CA GLN A 225 13.02 30.23 5.06
C GLN A 225 12.04 29.67 6.08
N LYS A 226 11.75 30.42 7.14
CA LYS A 226 10.85 29.92 8.18
C LYS A 226 9.40 29.87 7.69
N ASN A 227 8.98 30.88 6.93
CA ASN A 227 7.59 30.93 6.49
C ASN A 227 7.30 29.91 5.40
N ASN A 228 8.33 29.51 4.64
CA ASN A 228 8.13 28.64 3.50
C ASN A 228 7.41 27.35 3.88
N ARG A 229 7.75 26.79 5.05
CA ARG A 229 7.14 25.53 5.46
C ARG A 229 5.63 25.69 5.65
N LEU A 230 5.20 26.79 6.28
CA LEU A 230 3.77 27.05 6.40
C LEU A 230 3.12 27.18 5.03
N LEU A 231 3.80 27.86 4.11
CA LEU A 231 3.23 28.03 2.77
C LEU A 231 3.11 26.69 2.05
N GLU A 232 4.05 25.78 2.26
CA GLU A 232 4.02 24.50 1.56
C GLU A 232 3.01 23.54 2.18
N ILE A 233 2.90 23.53 3.51
CA ILE A 233 1.83 22.77 4.16
C ILE A 233 0.48 23.21 3.62
N THR A 234 0.27 24.53 3.55
CA THR A 234 -0.99 25.06 3.04
C THR A 234 -1.22 24.64 1.59
N ARG A 235 -0.18 24.69 0.75
CA ARG A 235 -0.31 24.25 -0.63
C ARG A 235 -0.78 22.80 -0.70
N GLU A 236 -0.17 21.92 0.11
CA GLU A 236 -0.57 20.52 0.09
C GLU A 236 -2.02 20.34 0.49
N PHE A 237 -2.44 21.00 1.57
CA PHE A 237 -3.81 20.88 2.01
C PHE A 237 -4.80 21.46 1.01
N SER A 238 -4.39 22.51 0.29
CA SER A 238 -5.29 23.18 -0.64
C SER A 238 -5.65 22.33 -1.84
N VAL A 239 -4.74 21.48 -2.32
CA VAL A 239 -5.04 20.61 -3.45
C VAL A 239 -5.43 19.21 -3.02
N ASN A 240 -5.54 18.97 -1.72
CA ASN A 240 -5.96 17.67 -1.21
C ASN A 240 -7.18 17.77 -0.28
N ALA A 241 -7.86 18.92 -0.28
CA ALA A 241 -9.03 19.11 0.58
C ALA A 241 -8.74 18.72 2.03
N GLY A 242 -7.57 19.15 2.52
CA GLY A 242 -7.25 19.01 3.92
C GLY A 242 -6.79 17.65 4.38
N VAL A 243 -6.59 16.68 3.49
CA VAL A 243 -6.17 15.33 3.86
C VAL A 243 -5.11 14.88 2.87
N THR A 244 -3.89 14.63 3.34
CA THR A 244 -2.82 14.22 2.44
C THR A 244 -2.30 12.83 2.81
N THR A 245 -1.88 12.10 1.79
CA THR A 245 -1.14 10.86 1.91
C THR A 245 -0.43 10.61 0.59
N PRO A 246 0.87 10.26 0.59
CA PRO A 246 1.76 10.09 1.75
C PRO A 246 1.97 11.36 2.56
N VAL A 247 2.41 11.23 3.80
CA VAL A 247 2.75 12.38 4.61
C VAL A 247 4.12 12.88 4.20
N SER A 248 4.18 14.12 3.72
CA SER A 248 5.40 14.68 3.17
C SER A 248 6.34 15.16 4.26
N THR A 249 7.56 15.53 3.85
CA THR A 249 8.52 16.07 4.80
C THR A 249 8.21 17.50 5.20
N TYR A 250 7.28 18.18 4.50
CA TYR A 250 6.77 19.45 4.99
C TYR A 250 5.83 19.23 6.18
N MET A 251 5.03 18.17 6.12
CA MET A 251 4.16 17.85 7.26
C MET A 251 4.98 17.40 8.46
N LEU A 252 5.98 16.55 8.21
CA LEU A 252 6.81 15.98 9.27
C LEU A 252 8.16 15.69 8.62
N THR A 253 9.19 16.45 9.01
CA THR A 253 10.52 16.18 8.48
C THR A 253 10.98 14.79 8.90
N ASN A 254 12.07 14.33 8.29
CA ASN A 254 12.57 13.00 8.58
C ASN A 254 13.00 12.88 10.04
N SER A 255 13.74 13.88 10.55
CA SER A 255 14.14 13.81 11.95
C SER A 255 12.93 13.94 12.87
N GLU A 256 11.96 14.79 12.50
CA GLU A 256 10.74 14.91 13.30
C GLU A 256 10.01 13.57 13.38
N LEU A 257 9.81 12.92 12.23
CA LEU A 257 9.13 11.63 12.22
C LEU A 257 9.91 10.59 13.03
N LEU A 258 11.23 10.55 12.84
CA LEU A 258 12.05 9.61 13.60
C LEU A 258 11.92 9.84 15.10
N SER A 259 11.99 11.10 15.54
CA SER A 259 11.87 11.35 16.98
C SER A 259 10.44 11.13 17.45
N LEU A 260 9.45 11.35 16.57
CA LEU A 260 8.07 10.98 16.90
C LEU A 260 7.95 9.48 17.13
N ILE A 261 8.48 8.68 16.19
CA ILE A 261 8.51 7.23 16.36
C ILE A 261 9.24 6.85 17.63
N ASN A 262 10.34 7.55 17.94
CA ASN A 262 11.15 7.18 19.09
C ASN A 262 10.40 7.45 20.40
N ASP A 263 9.68 8.55 20.47
CA ASP A 263 8.90 8.88 21.66
C ASP A 263 7.50 8.27 21.61
N MET A 264 7.25 7.41 20.64
CA MET A 264 5.96 6.76 20.50
C MET A 264 5.85 5.58 21.47
N PRO A 265 4.69 5.36 22.08
CA PRO A 265 4.53 4.23 23.02
C PRO A 265 4.27 2.91 22.30
N ILE A 266 5.35 2.32 21.78
CA ILE A 266 5.30 1.09 21.00
C ILE A 266 6.49 0.22 21.36
N THR A 267 6.48 -1.02 20.88
CA THR A 267 7.54 -1.96 21.21
C THR A 267 8.85 -1.55 20.54
N ASN A 268 9.94 -2.19 20.97
CA ASN A 268 11.24 -1.92 20.37
C ASN A 268 11.30 -2.44 18.94
N ASP A 269 10.65 -3.58 18.66
CA ASP A 269 10.60 -4.10 17.31
C ASP A 269 9.88 -3.15 16.38
N GLN A 270 8.78 -2.55 16.83
CA GLN A 270 8.04 -1.61 16.00
C GLN A 270 8.85 -0.35 15.73
N LYS A 271 9.54 0.18 16.76
CA LYS A 271 10.34 1.38 16.57
C LYS A 271 11.45 1.15 15.56
N LYS A 272 12.16 0.02 15.68
CA LYS A 272 13.19 -0.30 14.72
C LYS A 272 12.62 -0.50 13.32
N LEU A 273 11.47 -1.19 13.23
CA LEU A 273 10.86 -1.42 11.92
C LEU A 273 10.42 -0.11 11.27
N MET A 274 9.74 0.75 12.04
CA MET A 274 9.29 2.02 11.47
C MET A 274 10.47 2.91 11.12
N SER A 275 11.51 2.92 11.97
CA SER A 275 12.64 3.83 11.75
C SER A 275 13.47 3.42 10.55
N ASN A 276 13.55 2.12 10.26
CA ASN A 276 14.29 1.63 9.11
C ASN A 276 13.47 1.63 7.83
N ASN A 277 12.20 2.02 7.89
CA ASN A 277 11.33 2.02 6.73
C ASN A 277 10.45 3.26 6.72
N VAL A 278 11.04 4.43 7.01
CA VAL A 278 10.23 5.63 7.18
C VAL A 278 9.51 5.99 5.90
N GLN A 279 10.09 5.66 4.74
CA GLN A 279 9.42 5.99 3.49
C GLN A 279 8.14 5.17 3.30
N ILE A 280 8.09 3.96 3.86
CA ILE A 280 6.85 3.20 3.83
C ILE A 280 5.88 3.73 4.87
N VAL A 281 6.39 4.08 6.06
CA VAL A 281 5.53 4.69 7.07
C VAL A 281 4.83 5.92 6.52
N ARG A 282 5.56 6.75 5.76
CA ARG A 282 4.96 7.95 5.18
C ARG A 282 3.83 7.58 4.22
N GLN A 283 4.04 6.56 3.41
CA GLN A 283 3.02 6.19 2.43
C GLN A 283 1.78 5.60 3.06
N GLN A 284 1.87 5.09 4.28
CA GLN A 284 0.73 4.51 4.97
C GLN A 284 0.13 5.45 6.01
N SER A 285 0.57 6.70 6.03
CA SER A 285 0.10 7.69 7.01
C SER A 285 -0.78 8.73 6.32
N TYR A 286 -1.57 9.43 7.13
CA TYR A 286 -2.40 10.54 6.67
C TYR A 286 -2.11 11.78 7.50
N SER A 287 -2.14 12.94 6.85
CA SER A 287 -2.10 14.22 7.53
C SER A 287 -3.47 14.88 7.36
N ILE A 288 -4.12 15.22 8.47
CA ILE A 288 -5.49 15.71 8.47
C ILE A 288 -5.49 17.12 9.06
N MET A 289 -5.70 18.12 8.21
CA MET A 289 -5.81 19.50 8.68
C MET A 289 -6.99 19.59 9.65
N CYS A 290 -6.75 20.15 10.84
CA CYS A 290 -7.75 20.01 11.90
C CYS A 290 -8.33 21.33 12.35
N ILE A 291 -7.54 22.26 12.87
CA ILE A 291 -8.10 23.45 13.49
C ILE A 291 -7.06 24.55 13.52
N ILE A 292 -7.52 25.79 13.35
CA ILE A 292 -6.75 26.99 13.64
C ILE A 292 -7.50 27.76 14.70
N LYS A 293 -6.87 27.97 15.85
CA LYS A 293 -7.57 28.53 17.01
C LYS A 293 -6.57 28.93 18.10
N GLU A 294 -6.72 30.14 18.63
CA GLU A 294 -5.88 30.63 19.72
C GLU A 294 -4.40 30.58 19.35
N GLU A 295 -4.10 31.10 18.16
CA GLU A 295 -2.73 31.16 17.62
C GLU A 295 -2.09 29.78 17.48
N VAL A 296 -2.89 28.73 17.38
CA VAL A 296 -2.37 27.38 17.22
C VAL A 296 -2.93 26.78 15.94
N LEU A 297 -2.04 26.32 15.08
CA LEU A 297 -2.41 25.53 13.91
C LEU A 297 -2.13 24.07 14.25
N ALA A 298 -3.16 23.21 14.16
CA ALA A 298 -3.00 21.81 14.51
C ALA A 298 -3.51 20.94 13.38
N TYR A 299 -2.69 19.98 12.97
CA TYR A 299 -3.14 18.92 12.09
C TYR A 299 -2.79 17.58 12.73
N VAL A 300 -3.65 16.59 12.48
CA VAL A 300 -3.47 15.26 13.04
C VAL A 300 -2.71 14.43 12.03
N VAL A 301 -1.65 13.77 12.49
CA VAL A 301 -0.91 12.83 11.65
C VAL A 301 -1.26 11.43 12.14
N GLN A 302 -1.91 10.67 11.28
CA GLN A 302 -2.41 9.35 11.59
C GLN A 302 -1.35 8.35 11.12
N LEU A 303 -0.68 7.68 12.09
CA LEU A 303 0.42 6.81 11.71
C LEU A 303 0.03 5.34 11.82
N PRO A 304 0.60 4.48 10.98
CA PRO A 304 0.25 3.05 11.03
C PRO A 304 0.82 2.36 12.26
N LEU A 305 0.00 1.47 12.85
CA LEU A 305 0.45 0.55 13.88
C LEU A 305 0.62 -0.83 13.25
N TYR A 306 1.81 -1.40 13.38
CA TYR A 306 2.11 -2.71 12.81
C TYR A 306 1.98 -3.76 13.91
N GLY A 307 0.76 -4.25 14.11
CA GLY A 307 0.51 -5.26 15.14
C GLY A 307 0.85 -6.68 14.75
N VAL A 308 1.21 -6.91 13.48
CA VAL A 308 1.67 -8.22 13.01
C VAL A 308 2.99 -7.99 12.30
N ILE A 309 4.05 -8.62 12.80
CA ILE A 309 5.40 -8.43 12.30
C ILE A 309 6.10 -9.80 12.27
N ASP A 310 6.86 -10.06 11.20
CA ASP A 310 7.77 -11.20 11.11
C ASP A 310 7.05 -12.54 11.02
N THR A 311 5.82 -12.55 10.54
CA THR A 311 5.22 -13.83 10.19
C THR A 311 5.51 -14.15 8.73
N PRO A 312 5.46 -15.43 8.36
CA PRO A 312 5.72 -15.80 6.96
C PRO A 312 4.67 -15.21 6.02
N CYS A 313 5.15 -14.69 4.89
CA CYS A 313 4.27 -14.25 3.81
C CYS A 313 4.70 -14.92 2.51
N TRP A 314 3.74 -15.07 1.60
CA TRP A 314 4.04 -15.62 0.29
C TRP A 314 3.16 -14.96 -0.75
N LYS A 315 3.68 -14.83 -1.97
CA LYS A 315 2.97 -14.20 -3.07
C LYS A 315 2.57 -15.27 -4.08
N LEU A 316 1.28 -15.29 -4.42
CA LEU A 316 0.75 -16.27 -5.36
C LEU A 316 0.51 -15.58 -6.71
N HIS A 317 1.16 -16.10 -7.75
CA HIS A 317 1.02 -15.62 -9.12
C HIS A 317 0.26 -16.66 -9.92
N THR A 318 -0.70 -16.22 -10.73
CA THR A 318 -1.50 -17.14 -11.51
C THR A 318 -1.66 -16.60 -12.93
N SER A 319 -1.92 -17.52 -13.87
CA SER A 319 -2.02 -17.20 -15.29
C SER A 319 -2.94 -18.23 -15.94
N PRO A 320 -3.57 -17.87 -17.06
CA PRO A 320 -4.57 -18.78 -17.64
C PRO A 320 -3.96 -20.08 -18.16
N LEU A 321 -4.65 -21.17 -17.84
CA LEU A 321 -4.31 -22.52 -18.28
C LEU A 321 -5.38 -22.98 -19.27
N CYS A 322 -5.01 -23.12 -20.54
CA CYS A 322 -5.95 -23.50 -21.58
C CYS A 322 -5.52 -24.79 -22.28
N THR A 323 -6.50 -25.53 -22.79
CA THR A 323 -6.18 -26.59 -23.73
C THR A 323 -5.61 -25.98 -25.01
N THR A 324 -4.94 -26.80 -25.82
CA THR A 324 -4.16 -26.28 -26.93
C THR A 324 -4.54 -26.95 -28.25
N ASN A 325 -5.83 -27.29 -28.43
CA ASN A 325 -6.28 -27.84 -29.69
C ASN A 325 -6.12 -26.84 -30.82
N THR A 326 -5.91 -27.35 -32.03
CA THR A 326 -5.64 -26.49 -33.18
C THR A 326 -6.88 -25.70 -33.60
N LYS A 327 -8.05 -26.34 -33.58
CA LYS A 327 -9.26 -25.67 -34.02
C LYS A 327 -9.54 -24.46 -33.14
N GLU A 328 -9.55 -23.27 -33.75
CA GLU A 328 -9.79 -22.05 -33.00
C GLU A 328 -11.18 -22.07 -32.39
N GLY A 329 -11.28 -21.60 -31.15
CA GLY A 329 -12.54 -21.56 -30.45
C GLY A 329 -12.94 -22.83 -29.72
N SER A 330 -12.24 -23.94 -29.98
CA SER A 330 -12.59 -25.21 -29.34
C SER A 330 -11.92 -25.41 -27.99
N ASN A 331 -11.15 -24.44 -27.52
CA ASN A 331 -10.37 -24.62 -26.31
C ASN A 331 -11.09 -24.08 -25.09
N ILE A 332 -10.75 -24.62 -23.94
CA ILE A 332 -11.30 -24.22 -22.65
C ILE A 332 -10.15 -23.82 -21.74
N CYS A 333 -10.43 -22.92 -20.80
CA CYS A 333 -9.42 -22.31 -19.96
C CYS A 333 -9.90 -22.24 -18.53
N LEU A 334 -8.97 -22.30 -17.60
CA LEU A 334 -9.25 -21.89 -16.23
C LEU A 334 -8.06 -21.12 -15.69
N THR A 335 -8.33 -20.25 -14.72
CA THR A 335 -7.30 -19.45 -14.06
C THR A 335 -7.58 -19.46 -12.56
N ARG A 336 -6.57 -19.78 -11.76
CA ARG A 336 -6.69 -19.57 -10.32
C ARG A 336 -6.90 -18.09 -10.03
N THR A 337 -7.99 -17.75 -9.34
CA THR A 337 -8.32 -16.36 -9.08
C THR A 337 -7.78 -15.86 -7.75
N ASP A 338 -7.19 -16.74 -6.94
CA ASP A 338 -6.72 -16.40 -5.60
C ASP A 338 -5.31 -15.82 -5.60
N ARG A 339 -4.88 -15.19 -6.68
CA ARG A 339 -3.56 -14.56 -6.68
C ARG A 339 -3.56 -13.32 -5.80
N GLY A 340 -2.38 -13.02 -5.25
CA GLY A 340 -2.18 -11.90 -4.36
C GLY A 340 -1.20 -12.28 -3.27
N TRP A 341 -1.14 -11.45 -2.24
CA TRP A 341 -0.27 -11.69 -1.09
C TRP A 341 -1.00 -12.46 0.00
N TYR A 342 -0.26 -13.34 0.66
CA TYR A 342 -0.76 -14.14 1.79
C TYR A 342 0.23 -14.01 2.94
N CYS A 343 -0.27 -13.75 4.15
CA CYS A 343 0.58 -13.73 5.32
C CYS A 343 -0.11 -14.50 6.44
N ASP A 344 0.66 -15.36 7.12
CA ASP A 344 0.17 -15.97 8.35
C ASP A 344 -0.17 -14.88 9.35
N ASN A 345 -1.29 -15.04 10.05
CA ASN A 345 -1.75 -13.97 10.94
C ASN A 345 -2.73 -14.57 11.94
N ALA A 346 -2.28 -14.74 13.18
CA ALA A 346 -3.14 -15.04 14.32
C ALA A 346 -3.95 -16.32 14.11
N GLY A 347 -3.30 -17.35 13.55
CA GLY A 347 -3.94 -18.63 13.37
C GLY A 347 -4.71 -18.77 12.08
N SER A 348 -4.91 -17.68 11.34
CA SER A 348 -5.55 -17.64 10.04
C SER A 348 -4.54 -17.11 9.04
N VAL A 349 -5.01 -16.81 7.83
CA VAL A 349 -4.17 -16.23 6.78
C VAL A 349 -4.83 -14.94 6.30
N SER A 350 -4.07 -13.85 6.32
CA SER A 350 -4.54 -12.60 5.73
C SER A 350 -4.25 -12.62 4.24
N PHE A 351 -5.27 -12.41 3.43
CA PHE A 351 -5.16 -12.51 1.99
C PHE A 351 -5.44 -11.16 1.36
N PHE A 352 -4.48 -10.67 0.57
CA PHE A 352 -4.53 -9.34 -0.04
C PHE A 352 -4.66 -9.50 -1.55
N PRO A 353 -5.88 -9.50 -2.09
CA PRO A 353 -6.02 -9.80 -3.52
C PRO A 353 -5.50 -8.71 -4.44
N GLN A 354 -5.50 -7.44 -4.02
CA GLN A 354 -5.29 -6.34 -4.94
C GLN A 354 -3.80 -6.06 -5.14
N ALA A 355 -3.40 -5.95 -6.40
CA ALA A 355 -2.03 -5.63 -6.75
C ALA A 355 -1.66 -4.26 -6.19
N GLU A 356 -0.46 -4.19 -5.62
CA GLU A 356 0.17 -2.95 -5.19
C GLU A 356 -0.51 -2.33 -3.98
N THR A 357 -1.34 -3.09 -3.26
CA THR A 357 -1.70 -2.67 -1.92
C THR A 357 -0.67 -3.13 -0.89
N CYS A 358 0.26 -3.99 -1.29
CA CYS A 358 1.40 -4.36 -0.46
C CYS A 358 2.67 -3.79 -1.07
N LYS A 359 3.63 -3.45 -0.23
CA LYS A 359 4.91 -2.90 -0.67
C LYS A 359 6.02 -3.79 -0.13
N VAL A 360 6.91 -4.23 -1.02
CA VAL A 360 8.03 -5.10 -0.66
C VAL A 360 9.29 -4.27 -0.49
N GLN A 361 9.95 -4.43 0.66
CA GLN A 361 11.26 -3.86 0.92
C GLN A 361 12.18 -5.04 1.25
N SER A 362 13.03 -5.42 0.28
CA SER A 362 13.88 -6.61 0.37
C SER A 362 13.02 -7.85 0.57
N ASN A 363 13.00 -8.42 1.77
CA ASN A 363 12.14 -9.56 2.04
C ASN A 363 11.05 -9.24 3.05
N ARG A 364 10.82 -7.96 3.34
CA ARG A 364 9.75 -7.50 4.21
C ARG A 364 8.59 -6.98 3.35
N VAL A 365 7.38 -7.44 3.62
CA VAL A 365 6.22 -7.02 2.83
C VAL A 365 5.27 -6.25 3.74
N PHE A 366 5.03 -4.98 3.39
CA PHE A 366 4.15 -4.10 4.14
C PHE A 366 2.77 -4.14 3.48
N CYS A 367 1.76 -4.56 4.24
CA CYS A 367 0.40 -4.60 3.74
C CYS A 367 -0.52 -3.89 4.73
N ASP A 368 -1.76 -3.72 4.31
CA ASP A 368 -2.79 -3.07 5.12
C ASP A 368 -3.96 -4.04 5.24
N THR A 369 -4.29 -4.44 6.48
CA THR A 369 -5.34 -5.43 6.67
C THR A 369 -6.71 -4.94 6.23
N MET A 370 -6.88 -3.63 6.04
CA MET A 370 -8.15 -3.12 5.51
C MET A 370 -8.42 -3.66 4.11
N ASN A 371 -7.36 -4.03 3.37
CA ASN A 371 -7.47 -4.55 2.03
C ASN A 371 -7.30 -6.07 1.99
N SER A 372 -7.71 -6.76 3.05
CA SER A 372 -7.51 -8.19 3.15
C SER A 372 -8.80 -8.91 3.46
N LEU A 373 -8.84 -10.18 3.10
CA LEU A 373 -9.76 -11.16 3.66
C LEU A 373 -9.01 -11.98 4.69
N THR A 374 -9.75 -12.46 5.69
CA THR A 374 -9.20 -13.38 6.69
C THR A 374 -9.69 -14.77 6.34
N LEU A 375 -8.77 -15.66 5.96
CA LEU A 375 -9.14 -16.96 5.43
C LEU A 375 -8.58 -18.08 6.31
N PRO A 376 -9.23 -19.25 6.30
CA PRO A 376 -8.62 -20.43 6.93
C PRO A 376 -7.25 -20.69 6.32
N SER A 377 -6.31 -21.15 7.17
CA SER A 377 -4.97 -21.44 6.68
C SER A 377 -4.98 -22.54 5.62
N GLU A 378 -6.04 -23.36 5.56
CA GLU A 378 -6.16 -24.38 4.53
C GLU A 378 -6.18 -23.79 3.11
N VAL A 379 -6.39 -22.48 2.94
CA VAL A 379 -6.31 -21.88 1.61
C VAL A 379 -4.96 -22.18 0.97
N ASN A 380 -3.93 -22.39 1.79
CA ASN A 380 -2.60 -22.70 1.26
C ASN A 380 -2.56 -24.05 0.55
N LEU A 381 -3.45 -24.97 0.91
CA LEU A 381 -3.46 -26.29 0.27
C LEU A 381 -3.69 -26.20 -1.24
N CYS A 382 -4.32 -25.12 -1.69
CA CYS A 382 -4.59 -24.95 -3.13
C CYS A 382 -3.33 -24.94 -3.97
N ASN A 383 -2.18 -24.63 -3.37
CA ASN A 383 -0.95 -24.56 -4.13
C ASN A 383 -0.38 -25.96 -4.40
N VAL A 384 -0.40 -26.83 -3.40
CA VAL A 384 0.13 -28.18 -3.60
C VAL A 384 -0.92 -29.13 -4.16
N ASP A 385 -2.19 -28.97 -3.80
CA ASP A 385 -3.25 -29.87 -4.27
C ASP A 385 -4.54 -29.08 -4.46
N ILE A 386 -4.78 -28.61 -5.69
CA ILE A 386 -5.95 -27.79 -5.95
C ILE A 386 -7.26 -28.58 -5.77
N PHE A 387 -7.22 -29.91 -5.76
CA PHE A 387 -8.41 -30.70 -5.51
C PHE A 387 -8.54 -31.16 -4.07
N ASN A 388 -7.78 -30.56 -3.15
CA ASN A 388 -7.82 -30.98 -1.75
C ASN A 388 -9.24 -30.86 -1.20
N PRO A 389 -9.62 -31.73 -0.25
CA PRO A 389 -10.99 -31.72 0.28
C PRO A 389 -11.22 -30.73 1.42
N LYS A 390 -10.23 -29.95 1.83
CA LYS A 390 -10.35 -29.11 3.00
C LYS A 390 -10.65 -27.65 2.68
N TYR A 391 -10.25 -27.18 1.50
CA TYR A 391 -10.55 -25.82 1.07
C TYR A 391 -10.94 -25.88 -0.39
N ASP A 392 -12.01 -25.17 -0.76
CA ASP A 392 -12.54 -25.19 -2.12
C ASP A 392 -11.84 -24.11 -2.93
N CYS A 393 -10.85 -24.51 -3.71
CA CYS A 393 -9.96 -23.57 -4.38
C CYS A 393 -10.69 -22.77 -5.45
N LYS A 394 -10.43 -21.48 -5.51
CA LYS A 394 -11.17 -20.59 -6.39
C LYS A 394 -10.49 -20.50 -7.75
N ILE A 395 -11.32 -20.53 -8.80
CA ILE A 395 -10.88 -20.46 -10.19
C ILE A 395 -11.92 -19.66 -10.95
N MET A 396 -11.51 -19.18 -12.12
CA MET A 396 -12.44 -18.68 -13.12
C MET A 396 -12.26 -19.51 -14.39
N THR A 397 -13.31 -19.58 -15.20
CA THR A 397 -13.28 -20.37 -16.43
C THR A 397 -13.63 -19.50 -17.63
N SER A 398 -13.12 -19.88 -18.79
CA SER A 398 -13.45 -19.16 -20.02
C SER A 398 -13.05 -20.01 -21.23
N LYS A 399 -13.29 -19.45 -22.42
CA LYS A 399 -12.74 -19.97 -23.66
C LYS A 399 -11.84 -18.96 -24.34
N THR A 400 -11.39 -17.94 -23.60
CA THR A 400 -10.60 -16.85 -24.19
C THR A 400 -9.14 -17.20 -24.02
N ASP A 401 -8.59 -17.95 -24.99
CA ASP A 401 -7.22 -18.42 -24.89
C ASP A 401 -6.28 -17.42 -25.58
N VAL A 402 -6.07 -16.29 -24.90
CA VAL A 402 -5.12 -15.27 -25.35
C VAL A 402 -3.81 -15.48 -24.61
N SER A 403 -2.72 -15.03 -25.21
CA SER A 403 -1.38 -15.24 -24.66
C SER A 403 -0.96 -14.08 -23.78
N SER A 404 -0.21 -14.40 -22.73
CA SER A 404 0.35 -13.38 -21.84
C SER A 404 1.42 -14.01 -20.98
N SER A 405 2.10 -13.17 -20.21
CA SER A 405 3.08 -13.63 -19.24
C SER A 405 2.80 -12.96 -17.89
N VAL A 406 3.17 -13.66 -16.82
CA VAL A 406 3.16 -13.09 -15.48
C VAL A 406 4.58 -13.15 -14.93
N ILE A 407 5.16 -11.99 -14.68
CA ILE A 407 6.51 -11.91 -14.11
C ILE A 407 6.39 -12.16 -12.62
N THR A 408 7.07 -13.20 -12.13
CA THR A 408 6.99 -13.58 -10.73
C THR A 408 8.14 -12.95 -9.97
N SER A 409 8.29 -13.33 -8.69
CA SER A 409 9.42 -12.83 -7.91
C SER A 409 10.75 -13.33 -8.48
N LEU A 410 10.80 -14.59 -8.92
CA LEU A 410 12.07 -15.21 -9.29
C LEU A 410 12.05 -15.79 -10.70
N GLY A 411 11.05 -15.44 -11.51
CA GLY A 411 10.97 -15.97 -12.86
C GLY A 411 9.82 -15.42 -13.68
N ALA A 412 9.23 -16.25 -14.53
CA ALA A 412 8.16 -15.78 -15.41
C ALA A 412 7.27 -16.96 -15.78
N ILE A 413 5.99 -16.80 -15.58
CA ILE A 413 4.99 -17.73 -16.11
C ILE A 413 4.61 -17.27 -17.51
N VAL A 414 4.53 -18.21 -18.45
CA VAL A 414 4.19 -17.89 -19.83
C VAL A 414 2.97 -18.70 -20.24
N SER A 415 1.88 -18.02 -20.56
CA SER A 415 0.66 -18.63 -21.11
C SER A 415 0.68 -18.34 -22.60
N CYS A 416 1.04 -19.34 -23.39
CA CYS A 416 1.26 -19.19 -24.82
C CYS A 416 0.21 -19.99 -25.58
N TYR A 417 -0.62 -19.31 -26.36
CA TYR A 417 -1.69 -20.01 -27.09
C TYR A 417 -1.78 -19.47 -28.51
N GLY A 418 -2.38 -20.28 -29.37
CA GLY A 418 -2.63 -19.84 -30.74
C GLY A 418 -1.35 -19.73 -31.54
N LYS A 419 -1.24 -18.64 -32.29
CA LYS A 419 -0.10 -18.38 -33.15
C LYS A 419 0.97 -17.51 -32.48
N THR A 420 0.87 -17.29 -31.18
CA THR A 420 1.74 -16.34 -30.51
C THR A 420 3.18 -16.85 -30.47
N LYS A 421 4.13 -15.95 -30.72
CA LYS A 421 5.55 -16.24 -30.54
C LYS A 421 5.91 -15.95 -29.08
N CYS A 422 6.38 -16.96 -28.38
CA CYS A 422 6.75 -16.82 -26.97
C CYS A 422 8.16 -17.35 -26.77
N THR A 423 9.05 -16.50 -26.26
CA THR A 423 10.45 -16.86 -26.09
C THR A 423 10.97 -16.33 -24.77
N ALA A 424 12.14 -16.83 -24.38
CA ALA A 424 12.92 -16.27 -23.29
C ALA A 424 14.33 -16.00 -23.78
N SER A 425 14.93 -14.91 -23.31
CA SER A 425 16.23 -14.48 -23.82
C SER A 425 17.16 -14.09 -22.69
N ASN A 426 18.45 -14.20 -22.98
CA ASN A 426 19.51 -13.60 -22.19
C ASN A 426 20.03 -12.37 -22.94
N LYS A 427 20.50 -11.37 -22.19
CA LYS A 427 20.94 -10.13 -22.84
C LYS A 427 22.13 -10.37 -23.75
N ASN A 428 23.03 -11.28 -23.38
CA ASN A 428 24.26 -11.47 -24.13
C ASN A 428 24.12 -12.44 -25.30
N ARG A 429 23.11 -13.32 -25.28
CA ARG A 429 23.02 -14.39 -26.26
C ARG A 429 21.72 -14.42 -27.05
N GLY A 430 20.67 -13.73 -26.61
CA GLY A 430 19.43 -13.74 -27.34
C GLY A 430 18.53 -14.89 -26.95
N ILE A 431 17.70 -15.35 -27.90
CA ILE A 431 16.67 -16.33 -27.61
C ILE A 431 17.32 -17.65 -27.18
N ILE A 432 17.04 -18.09 -25.97
CA ILE A 432 17.53 -19.37 -25.49
C ILE A 432 16.43 -20.41 -25.35
N LYS A 433 15.17 -20.01 -25.37
CA LYS A 433 14.06 -20.94 -25.26
C LYS A 433 12.87 -20.40 -26.03
N THR A 434 12.21 -21.27 -26.78
CA THR A 434 10.96 -20.95 -27.44
C THR A 434 9.88 -21.80 -26.78
N PHE A 435 8.85 -21.14 -26.25
CA PHE A 435 7.79 -21.85 -25.57
C PHE A 435 6.83 -22.46 -26.59
N SER A 436 6.39 -23.68 -26.32
CA SER A 436 5.29 -24.26 -27.07
C SER A 436 3.97 -23.84 -26.42
N ASN A 437 2.87 -24.15 -27.10
CA ASN A 437 1.57 -23.76 -26.59
C ASN A 437 1.26 -24.47 -25.29
N GLY A 438 0.68 -23.74 -24.35
CA GLY A 438 0.43 -24.20 -23.00
C GLY A 438 0.94 -23.19 -22.00
N CYS A 439 0.96 -23.59 -20.74
CA CYS A 439 1.50 -22.75 -19.68
C CYS A 439 2.82 -23.32 -19.19
N ASP A 440 3.85 -22.48 -19.15
CA ASP A 440 5.21 -22.92 -18.85
C ASP A 440 5.86 -21.83 -17.99
N TYR A 441 7.13 -22.03 -17.66
CA TYR A 441 7.80 -21.17 -16.69
C TYR A 441 9.29 -21.24 -16.94
N VAL A 442 9.98 -20.11 -16.72
CA VAL A 442 11.44 -20.07 -16.66
C VAL A 442 11.83 -19.26 -15.43
N SER A 443 12.93 -19.67 -14.79
CA SER A 443 13.45 -18.90 -13.67
C SER A 443 14.31 -17.76 -14.19
N ASN A 444 14.62 -16.81 -13.30
CA ASN A 444 15.39 -15.64 -13.67
C ASN A 444 16.90 -15.91 -13.74
N LYS A 445 17.32 -17.16 -13.53
CA LYS A 445 18.74 -17.49 -13.59
C LYS A 445 19.13 -17.71 -15.05
N GLY A 446 19.99 -16.85 -15.57
CA GLY A 446 20.35 -16.92 -16.98
C GLY A 446 19.30 -16.36 -17.93
N VAL A 447 18.19 -15.85 -17.42
CA VAL A 447 17.15 -15.23 -18.23
C VAL A 447 17.02 -13.78 -17.82
N ASP A 448 17.01 -12.88 -18.81
CA ASP A 448 16.82 -11.46 -18.56
C ASP A 448 15.46 -10.94 -19.02
N THR A 449 14.92 -11.48 -20.10
CA THR A 449 13.63 -11.04 -20.63
C THR A 449 12.86 -12.24 -21.15
N VAL A 450 11.54 -12.08 -21.19
CA VAL A 450 10.66 -12.96 -21.95
C VAL A 450 9.83 -12.09 -22.88
N SER A 451 9.49 -12.64 -24.03
CA SER A 451 8.63 -11.97 -24.99
C SER A 451 7.44 -12.87 -25.28
N VAL A 452 6.24 -12.30 -25.19
CA VAL A 452 5.01 -12.97 -25.54
C VAL A 452 4.29 -12.09 -26.55
N GLY A 453 4.28 -12.50 -27.81
CA GLY A 453 3.73 -11.63 -28.84
C GLY A 453 4.59 -10.40 -28.98
N ASN A 454 3.95 -9.23 -29.01
CA ASN A 454 4.63 -7.96 -29.17
C ASN A 454 5.02 -7.32 -27.84
N THR A 455 4.96 -8.06 -26.73
CA THR A 455 5.23 -7.52 -25.41
C THR A 455 6.52 -8.12 -24.88
N LEU A 456 7.51 -7.26 -24.63
CA LEU A 456 8.76 -7.64 -23.99
C LEU A 456 8.66 -7.37 -22.49
N TYR A 457 8.96 -8.39 -21.67
CA TYR A 457 8.98 -8.28 -20.22
C TYR A 457 10.40 -8.48 -19.71
N TYR A 458 10.87 -7.55 -18.88
CA TYR A 458 12.09 -7.80 -18.11
C TYR A 458 11.72 -8.57 -16.85
N VAL A 459 12.50 -9.62 -16.54
CA VAL A 459 12.25 -10.40 -15.33
C VAL A 459 13.00 -9.75 -14.17
N ASN A 460 12.49 -9.98 -12.95
CA ASN A 460 13.19 -9.52 -11.76
C ASN A 460 14.50 -10.30 -11.60
N LYS A 461 15.57 -9.58 -11.26
CA LYS A 461 16.88 -10.20 -11.11
C LYS A 461 17.24 -10.50 -9.66
N GLN A 462 16.26 -10.50 -8.76
CA GLN A 462 16.49 -10.91 -7.37
C GLN A 462 17.08 -12.31 -7.30
N GLU A 463 18.05 -12.48 -6.40
CA GLU A 463 18.65 -13.79 -6.19
C GLU A 463 17.69 -14.71 -5.41
N GLY A 464 17.62 -15.96 -5.84
CA GLY A 464 16.81 -16.95 -5.16
C GLY A 464 16.55 -18.15 -6.03
N LYS A 465 16.22 -19.26 -5.37
CA LYS A 465 16.09 -20.55 -6.05
C LYS A 465 14.65 -20.81 -6.49
N SER A 466 14.49 -21.28 -7.71
CA SER A 466 13.19 -21.70 -8.25
C SER A 466 13.15 -23.22 -8.36
N LEU A 467 11.96 -23.78 -8.13
CA LEU A 467 11.73 -25.21 -8.28
C LEU A 467 10.56 -25.38 -9.24
N TYR A 468 10.77 -26.15 -10.31
CA TYR A 468 9.72 -26.44 -11.28
C TYR A 468 9.04 -27.73 -10.85
N VAL A 469 7.77 -27.64 -10.46
CA VAL A 469 7.02 -28.80 -10.00
C VAL A 469 6.21 -29.30 -11.20
N LYS A 470 6.66 -30.39 -11.80
CA LYS A 470 5.97 -30.96 -12.95
C LYS A 470 4.63 -31.54 -12.52
N GLY A 471 3.68 -31.52 -13.46
CA GLY A 471 2.36 -32.07 -13.19
C GLY A 471 1.44 -31.88 -14.39
N GLU A 472 0.52 -32.80 -14.60
CA GLU A 472 -0.35 -32.70 -15.76
C GLU A 472 -1.26 -31.48 -15.60
N PRO A 473 -1.34 -30.61 -16.61
CA PRO A 473 -2.27 -29.48 -16.55
C PRO A 473 -3.69 -29.96 -16.26
N ILE A 474 -4.30 -29.38 -15.21
CA ILE A 474 -5.58 -29.92 -14.76
C ILE A 474 -6.70 -29.63 -15.76
N ILE A 475 -6.51 -28.68 -16.67
CA ILE A 475 -7.51 -28.41 -17.70
C ILE A 475 -7.72 -29.64 -18.59
N ASN A 476 -6.75 -30.56 -18.62
CA ASN A 476 -6.90 -31.78 -19.41
C ASN A 476 -7.90 -32.74 -18.82
N PHE A 477 -8.31 -32.56 -17.56
CA PHE A 477 -9.23 -33.49 -16.92
C PHE A 477 -10.70 -33.19 -17.24
N TYR A 478 -10.99 -32.16 -18.02
CA TYR A 478 -12.35 -31.70 -18.21
C TYR A 478 -12.84 -32.00 -19.62
N ASP A 479 -14.08 -32.45 -19.70
CA ASP A 479 -14.75 -32.63 -20.99
C ASP A 479 -15.22 -31.27 -21.49
N PRO A 480 -14.72 -30.77 -22.61
CA PRO A 480 -15.12 -29.43 -23.08
C PRO A 480 -16.60 -29.33 -23.40
N LEU A 481 -17.27 -30.45 -23.68
CA LEU A 481 -18.68 -30.41 -24.04
C LEU A 481 -19.59 -30.06 -22.86
N VAL A 482 -19.11 -30.24 -21.63
CA VAL A 482 -19.87 -29.89 -20.44
C VAL A 482 -19.14 -28.89 -19.57
N PHE A 483 -18.03 -28.36 -20.04
CA PHE A 483 -17.25 -27.40 -19.26
C PHE A 483 -18.01 -26.09 -19.14
N PRO A 484 -18.27 -25.60 -17.92
CA PRO A 484 -18.95 -24.31 -17.76
C PRO A 484 -17.95 -23.16 -17.86
N SER A 485 -17.98 -22.45 -18.99
CA SER A 485 -17.12 -21.29 -19.16
C SER A 485 -17.85 -20.01 -18.75
N ASP A 486 -17.09 -18.91 -18.73
CA ASP A 486 -17.58 -17.60 -18.30
C ASP A 486 -18.09 -17.64 -16.85
N GLU A 487 -17.39 -18.39 -16.00
CA GLU A 487 -17.61 -18.37 -14.56
C GLU A 487 -16.47 -17.60 -13.92
N PHE A 488 -16.78 -16.46 -13.30
CA PHE A 488 -15.73 -15.65 -12.72
C PHE A 488 -15.49 -15.93 -11.24
N ASP A 489 -16.56 -15.95 -10.45
CA ASP A 489 -16.45 -16.18 -9.00
C ASP A 489 -16.70 -17.66 -8.70
N ALA A 490 -15.94 -18.54 -9.34
CA ALA A 490 -16.20 -19.97 -9.25
C ALA A 490 -15.14 -20.66 -8.39
N SER A 491 -15.24 -21.98 -8.35
CA SER A 491 -14.33 -22.79 -7.54
C SER A 491 -14.33 -24.20 -8.10
N ILE A 492 -13.38 -24.99 -7.62
CA ILE A 492 -13.30 -26.40 -8.03
C ILE A 492 -14.65 -27.08 -7.83
N SER A 493 -15.25 -26.91 -6.63
CA SER A 493 -16.49 -27.61 -6.32
C SER A 493 -17.66 -27.08 -7.13
N GLN A 494 -17.76 -25.76 -7.28
CA GLN A 494 -18.86 -25.19 -8.08
C GLN A 494 -18.77 -25.65 -9.52
N VAL A 495 -17.56 -25.79 -10.06
CA VAL A 495 -17.41 -26.31 -11.41
C VAL A 495 -17.81 -27.77 -11.47
N ASN A 496 -17.42 -28.58 -10.48
CA ASN A 496 -17.89 -29.96 -10.44
C ASN A 496 -19.41 -30.02 -10.34
N GLU A 497 -20.00 -29.16 -9.51
CA GLU A 497 -21.45 -29.12 -9.35
C GLU A 497 -22.14 -28.88 -10.68
N LYS A 498 -21.71 -27.86 -11.42
CA LYS A 498 -22.34 -27.56 -12.70
C LYS A 498 -22.13 -28.68 -13.71
N ILE A 499 -20.94 -29.28 -13.73
CA ILE A 499 -20.70 -30.40 -14.64
C ILE A 499 -21.64 -31.56 -14.33
N ASN A 500 -21.86 -31.84 -13.03
CA ASN A 500 -22.79 -32.91 -12.66
C ASN A 500 -24.20 -32.64 -13.16
N GLN A 501 -24.66 -31.39 -13.06
CA GLN A 501 -25.99 -31.05 -13.54
C GLN A 501 -26.09 -31.17 -15.06
N SER A 502 -25.02 -30.81 -15.78
CA SER A 502 -25.03 -30.96 -17.22
C SER A 502 -24.96 -32.42 -17.64
N LEU A 503 -24.19 -33.23 -16.91
CA LEU A 503 -24.11 -34.66 -17.20
C LEU A 503 -25.40 -35.38 -16.83
N ALA A 504 -26.23 -34.79 -15.97
CA ALA A 504 -27.50 -35.40 -15.60
C ALA A 504 -28.54 -35.22 -16.70
N PHE A 505 -28.65 -34.00 -17.24
CA PHE A 505 -29.61 -33.73 -18.31
C PHE A 505 -29.32 -34.55 -19.56
N ILE A 506 -28.08 -35.02 -19.73
CA ILE A 506 -27.74 -35.87 -20.86
C ILE A 506 -27.69 -37.32 -20.39
#